data_3PED
#
_entry.id   3PED
#
_cell.length_a   114.200
_cell.length_b   114.200
_cell.length_c   119.300
_cell.angle_alpha   90.00
_cell.angle_beta   90.00
_cell.angle_gamma   90.00
#
_symmetry.space_group_name_H-M   'P 41 21 2'
#
loop_
_entity.id
_entity.type
_entity.pdbx_description
1 polymer 'Neutrophil gelatinase-associated lipocalin'
2 non-polymer 'FE (III) ION'
3 non-polymer '(9Z)-11-{hydroxy[(5S)-6-{[(1S)-3-{[(3S)-1-hydroxy-2-oxoazepan-3-yl]amino}-1-methyl-3-oxopropyl]oxy}-5-({[(4S)-2-(2-hydroxyphenyl)-4,5-dihydro-1,3-oxazol-4-yl]carbonyl}amino)-6-oxohexyl]amino}-11-oxoundec-9-enoic acid'
4 non-polymer 'SULFATE ION'
5 water water
#
_entity_poly.entity_id   1
_entity_poly.type   'polypeptide(L)'
_entity_poly.pdbx_seq_one_letter_code
;QDSTSDLIPAPPLSKVPLQQNFQDNQFQGKWYVVGLAGNAILREDKDPQKMYATIYELKEDKSYNVTSVLFRKKKCDYWI
RTFVPGSQPGEFTLGNIKSYPGLTSYLVRVVSTNYNQHAMVFFKKVSQNREYFKITLYGRTKELTSELKENFIRFSKSLG
LPENHIVFPVPIDQCIDG
;
_entity_poly.pdbx_strand_id   A,B,C
#
# COMPACT_ATOMS: atom_id res chain seq x y z
N ASP A 2 -27.86 -28.78 -16.51
CA ASP A 2 -28.61 -27.67 -17.16
C ASP A 2 -28.37 -26.33 -16.47
N SER A 3 -28.02 -25.31 -17.23
CA SER A 3 -27.82 -23.95 -16.69
C SER A 3 -27.73 -22.88 -17.79
N THR A 4 -27.85 -21.63 -17.35
CA THR A 4 -27.70 -20.46 -18.19
C THR A 4 -26.79 -19.50 -17.44
N SER A 5 -25.82 -18.91 -18.13
CA SER A 5 -24.92 -17.94 -17.49
C SER A 5 -24.31 -16.94 -18.48
N ASP A 6 -24.01 -15.76 -17.97
CA ASP A 6 -23.49 -14.66 -18.75
C ASP A 6 -22.19 -14.19 -18.13
N LEU A 7 -21.12 -14.14 -18.93
CA LEU A 7 -19.79 -13.78 -18.45
C LEU A 7 -19.17 -12.67 -19.27
N ILE A 8 -18.43 -11.79 -18.60
CA ILE A 8 -17.58 -10.83 -19.28
C ILE A 8 -16.50 -11.65 -19.98
N PRO A 9 -16.24 -11.34 -21.26
CA PRO A 9 -15.31 -12.19 -22.01
C PRO A 9 -13.86 -12.05 -21.54
N ALA A 10 -13.08 -13.12 -21.69
CA ALA A 10 -11.66 -13.12 -21.42
C ALA A 10 -11.01 -12.16 -22.36
N PRO A 11 -10.06 -11.37 -21.87
CA PRO A 11 -9.38 -10.45 -22.78
C PRO A 11 -8.44 -11.22 -23.70
N PRO A 12 -8.08 -10.63 -24.84
CA PRO A 12 -7.05 -11.31 -25.61
C PRO A 12 -5.73 -11.29 -24.87
N LEU A 13 -4.92 -12.33 -25.02
CA LEU A 13 -3.65 -12.46 -24.33
C LEU A 13 -2.67 -11.32 -24.62
N SER A 14 -2.92 -10.55 -25.67
CA SER A 14 -2.07 -9.42 -26.03
C SER A 14 -2.24 -8.24 -25.07
N LYS A 15 -3.32 -8.26 -24.27
CA LYS A 15 -3.56 -7.23 -23.27
C LYS A 15 -3.04 -7.62 -21.89
N VAL A 16 -2.33 -8.76 -21.83
CA VAL A 16 -1.88 -9.32 -20.56
C VAL A 16 -0.37 -9.40 -20.59
N PRO A 17 0.31 -8.42 -19.97
CA PRO A 17 1.78 -8.46 -20.02
C PRO A 17 2.35 -9.68 -19.29
N LEU A 18 3.59 -10.03 -19.62
CA LEU A 18 4.36 -11.08 -18.99
C LEU A 18 5.55 -10.48 -18.25
N GLN A 19 5.74 -10.85 -16.99
CA GLN A 19 6.92 -10.41 -16.25
C GLN A 19 8.19 -10.83 -16.97
N GLN A 20 9.02 -9.85 -17.34
CA GLN A 20 10.27 -10.13 -18.03
C GLN A 20 11.26 -10.81 -17.07
N ASN A 21 12.13 -11.65 -17.64
CA ASN A 21 13.15 -12.28 -16.85
CA ASN A 21 13.13 -12.43 -16.91
C ASN A 21 12.57 -12.95 -15.60
N PHE A 22 11.57 -13.80 -15.75
CA PHE A 22 10.91 -14.44 -14.60
C PHE A 22 11.85 -15.37 -13.88
N GLN A 23 11.94 -15.20 -12.55
CA GLN A 23 12.80 -16.04 -11.72
C GLN A 23 11.96 -17.00 -10.87
N ASP A 24 11.88 -18.25 -11.29
CA ASP A 24 10.97 -19.22 -10.67
C ASP A 24 11.32 -19.55 -9.22
N ASN A 25 12.62 -19.55 -8.90
CA ASN A 25 13.08 -19.80 -7.53
C ASN A 25 12.67 -18.69 -6.58
N GLN A 26 12.73 -17.45 -7.05
CA GLN A 26 12.36 -16.29 -6.24
C GLN A 26 10.85 -16.10 -6.07
N PHE A 27 10.04 -16.77 -6.88
CA PHE A 27 8.59 -16.63 -6.80
C PHE A 27 8.00 -17.62 -5.82
N GLN A 28 8.80 -18.61 -5.41
CA GLN A 28 8.40 -19.59 -4.41
C GLN A 28 7.95 -18.98 -3.08
N GLY A 29 7.26 -19.81 -2.29
CA GLY A 29 6.83 -19.45 -0.96
C GLY A 29 5.37 -19.03 -0.89
N LYS A 30 5.03 -18.38 0.21
CA LYS A 30 3.66 -18.00 0.48
C LYS A 30 3.34 -16.59 -0.06
N TRP A 31 2.18 -16.48 -0.68
CA TRP A 31 1.62 -15.22 -1.09
C TRP A 31 0.21 -15.11 -0.52
N TYR A 32 -0.10 -13.96 0.05
CA TYR A 32 -1.46 -13.63 0.45
C TYR A 32 -2.20 -13.05 -0.75
N VAL A 33 -3.49 -13.36 -0.86
CA VAL A 33 -4.33 -12.77 -1.89
C VAL A 33 -4.95 -11.48 -1.34
N VAL A 34 -4.30 -10.37 -1.64
CA VAL A 34 -4.70 -9.04 -1.17
C VAL A 34 -5.81 -8.44 -2.05
N GLY A 35 -5.82 -8.81 -3.32
CA GLY A 35 -6.83 -8.36 -4.27
C GLY A 35 -7.23 -9.47 -5.20
N LEU A 36 -8.50 -9.48 -5.59
CA LEU A 36 -9.08 -10.55 -6.38
C LEU A 36 -10.05 -9.94 -7.41
N ALA A 37 -9.87 -10.28 -8.69
CA ALA A 37 -10.75 -9.80 -9.75
C ALA A 37 -10.96 -10.86 -10.83
N GLY A 38 -12.13 -10.88 -11.44
CA GLY A 38 -12.41 -11.80 -12.55
C GLY A 38 -13.87 -11.85 -12.96
N ASN A 39 -14.16 -12.56 -14.04
CA ASN A 39 -15.53 -12.57 -14.59
C ASN A 39 -16.52 -13.41 -13.77
N ALA A 40 -16.00 -14.27 -12.87
CA ALA A 40 -16.83 -14.98 -11.89
C ALA A 40 -16.59 -14.53 -10.44
N ILE A 41 -15.83 -13.44 -10.26
CA ILE A 41 -15.69 -12.80 -8.96
C ILE A 41 -16.73 -11.69 -8.79
N LEU A 42 -17.48 -11.74 -7.69
CA LEU A 42 -18.50 -10.75 -7.37
C LEU A 42 -18.35 -10.24 -5.95
N ARG A 43 -18.31 -8.93 -5.77
CA ARG A 43 -18.34 -8.33 -4.43
C ARG A 43 -19.62 -8.74 -3.72
N GLU A 44 -19.49 -9.13 -2.47
CA GLU A 44 -20.63 -9.44 -1.63
C GLU A 44 -20.48 -8.68 -0.32
N ASP A 45 -21.05 -7.47 -0.27
CA ASP A 45 -20.98 -6.59 0.90
C ASP A 45 -21.51 -7.23 2.18
N LYS A 46 -22.53 -8.08 2.04
CA LYS A 46 -23.16 -8.75 3.17
C LYS A 46 -22.26 -9.80 3.82
N ASP A 47 -21.59 -10.61 2.99
CA ASP A 47 -20.68 -11.65 3.47
C ASP A 47 -19.33 -11.55 2.73
N PRO A 48 -18.50 -10.55 3.09
CA PRO A 48 -17.30 -10.27 2.29
C PRO A 48 -16.30 -11.43 2.29
N GLN A 49 -15.58 -11.53 1.18
CA GLN A 49 -14.56 -12.56 0.98
C GLN A 49 -13.43 -12.44 2.04
N LYS A 50 -13.11 -13.55 2.69
CA LYS A 50 -11.95 -13.58 3.57
C LYS A 50 -10.67 -13.79 2.78
N MET A 51 -9.57 -13.23 3.26
CA MET A 51 -8.26 -13.46 2.66
C MET A 51 -7.89 -14.94 2.74
N TYR A 52 -7.22 -15.42 1.69
CA TYR A 52 -6.64 -16.76 1.68
C TYR A 52 -5.20 -16.66 1.19
N ALA A 53 -4.47 -17.77 1.26
CA ALA A 53 -3.06 -17.78 0.90
C ALA A 53 -2.76 -18.91 -0.08
N THR A 54 -1.78 -18.70 -0.93
CA THR A 54 -1.37 -19.65 -1.92
C THR A 54 0.14 -19.84 -1.82
N ILE A 55 0.58 -21.08 -1.63
CA ILE A 55 2.00 -21.39 -1.48
C ILE A 55 2.53 -22.08 -2.73
N TYR A 56 3.64 -21.56 -3.26
CA TYR A 56 4.31 -22.09 -4.44
C TYR A 56 5.64 -22.76 -4.07
N GLU A 57 5.72 -24.07 -4.24
CA GLU A 57 6.97 -24.80 -3.99
C GLU A 57 7.46 -25.45 -5.26
N LEU A 58 8.71 -25.13 -5.61
CA LEU A 58 9.34 -25.67 -6.81
C LEU A 58 9.75 -27.11 -6.53
N LYS A 59 9.29 -28.04 -7.36
CA LYS A 59 9.72 -29.43 -7.24
C LYS A 59 11.07 -29.60 -7.93
N GLU A 60 11.62 -30.82 -7.89
CA GLU A 60 12.93 -31.09 -8.51
C GLU A 60 12.85 -30.92 -10.04
N ASP A 61 11.72 -31.32 -10.64
CA ASP A 61 11.49 -31.15 -12.08
C ASP A 61 11.13 -29.71 -12.52
N LYS A 62 11.16 -28.76 -11.57
CA LYS A 62 10.93 -27.32 -11.81
C LYS A 62 9.47 -26.92 -12.09
N SER A 63 8.54 -27.86 -11.96
CA SER A 63 7.12 -27.55 -11.83
C SER A 63 6.83 -27.10 -10.40
N TYR A 64 5.75 -26.35 -10.21
CA TYR A 64 5.35 -25.94 -8.87
C TYR A 64 4.31 -26.88 -8.29
N ASN A 65 4.49 -27.25 -7.04
CA ASN A 65 3.39 -27.74 -6.22
C ASN A 65 2.67 -26.52 -5.66
N VAL A 66 1.37 -26.40 -5.89
CA VAL A 66 0.63 -25.21 -5.52
C VAL A 66 -0.48 -25.57 -4.54
N THR A 67 -0.42 -24.99 -3.34
CA THR A 67 -1.37 -25.24 -2.27
C THR A 67 -2.05 -23.95 -1.84
N SER A 68 -3.37 -23.93 -1.88
CA SER A 68 -4.13 -22.79 -1.38
C SER A 68 -4.79 -23.15 -0.07
N VAL A 69 -4.83 -22.20 0.87
CA VAL A 69 -5.48 -22.46 2.16
C VAL A 69 -6.44 -21.35 2.49
N LEU A 70 -7.66 -21.75 2.85
CA LEU A 70 -8.78 -20.88 3.15
C LEU A 70 -9.42 -21.27 4.46
N PHE A 71 -9.95 -20.28 5.18
CA PHE A 71 -10.70 -20.53 6.40
C PHE A 71 -12.19 -20.60 6.04
N ARG A 72 -12.83 -21.74 6.33
CA ARG A 72 -14.23 -21.93 5.96
C ARG A 72 -14.91 -22.97 6.85
N LYS A 73 -16.08 -22.61 7.39
CA LYS A 73 -16.84 -23.50 8.26
C LYS A 73 -15.97 -23.91 9.46
N LYS A 74 -15.30 -22.93 10.05
CA LYS A 74 -14.42 -23.13 11.21
C LYS A 74 -13.22 -24.08 10.97
N LYS A 75 -12.90 -24.35 9.71
CA LYS A 75 -11.80 -25.24 9.36
C LYS A 75 -10.89 -24.68 8.26
N CYS A 76 -9.70 -25.24 8.16
CA CYS A 76 -8.76 -24.88 7.09
C CYS A 76 -8.95 -25.87 5.97
N ASP A 77 -9.34 -25.38 4.80
CA ASP A 77 -9.49 -26.22 3.61
C ASP A 77 -8.30 -26.03 2.70
N TYR A 78 -7.73 -27.13 2.25
CA TYR A 78 -6.55 -27.10 1.44
C TYR A 78 -6.87 -27.59 0.03
N TRP A 79 -6.44 -26.82 -0.97
CA TRP A 79 -6.57 -27.20 -2.37
C TRP A 79 -5.19 -27.30 -2.99
N ILE A 80 -4.89 -28.43 -3.61
CA ILE A 80 -3.57 -28.67 -4.21
C ILE A 80 -3.65 -28.86 -5.71
N ARG A 81 -2.77 -28.18 -6.45
CA ARG A 81 -2.65 -28.37 -7.88
C ARG A 81 -1.19 -28.30 -8.29
N THR A 82 -0.89 -28.73 -9.51
CA THR A 82 0.46 -28.65 -10.07
C THR A 82 0.48 -27.66 -11.23
N PHE A 83 1.39 -26.70 -11.18
CA PHE A 83 1.63 -25.76 -12.29
C PHE A 83 2.84 -26.21 -13.10
N VAL A 84 2.59 -26.55 -14.36
CA VAL A 84 3.61 -27.03 -15.27
C VAL A 84 4.08 -25.87 -16.15
N PRO A 85 5.41 -25.64 -16.23
CA PRO A 85 5.96 -24.53 -17.02
C PRO A 85 5.48 -24.53 -18.46
N GLY A 86 5.10 -23.37 -18.97
CA GLY A 86 4.48 -23.28 -20.29
C GLY A 86 5.41 -22.84 -21.39
N SER A 87 4.88 -22.05 -22.32
CA SER A 87 5.59 -21.73 -23.55
C SER A 87 6.76 -20.79 -23.30
N GLN A 88 6.64 -19.90 -22.30
CA GLN A 88 7.72 -19.00 -21.94
C GLN A 88 7.80 -18.79 -20.43
N PRO A 89 8.96 -18.33 -19.93
CA PRO A 89 9.14 -18.24 -18.47
C PRO A 89 8.12 -17.27 -17.87
N GLY A 90 7.44 -17.71 -16.82
CA GLY A 90 6.35 -16.93 -16.20
C GLY A 90 4.96 -17.42 -16.58
N GLU A 91 4.88 -18.40 -17.48
CA GLU A 91 3.62 -19.00 -17.91
C GLU A 91 3.55 -20.46 -17.52
N PHE A 92 2.34 -20.92 -17.21
CA PHE A 92 2.13 -22.30 -16.77
C PHE A 92 0.81 -22.87 -17.25
N THR A 93 0.76 -24.20 -17.32
CA THR A 93 -0.49 -24.90 -17.51
C THR A 93 -0.66 -25.89 -16.37
N LEU A 94 -1.84 -26.50 -16.28
CA LEU A 94 -2.21 -27.32 -15.14
C LEU A 94 -1.81 -28.75 -15.41
N GLY A 95 -1.05 -29.35 -14.48
CA GLY A 95 -0.76 -30.79 -14.56
C GLY A 95 -1.97 -31.61 -14.15
N ASN A 96 -2.10 -32.81 -14.74
CA ASN A 96 -3.13 -33.79 -14.36
C ASN A 96 -4.55 -33.27 -14.58
N ILE A 97 -4.74 -32.64 -15.71
CA ILE A 97 -5.97 -31.99 -16.10
C ILE A 97 -7.15 -32.98 -16.27
N LYS A 98 -6.83 -34.21 -16.67
CA LYS A 98 -7.83 -35.26 -16.86
C LYS A 98 -8.60 -35.57 -15.59
N SER A 99 -7.95 -35.46 -14.44
CA SER A 99 -8.59 -35.75 -13.15
C SER A 99 -9.64 -34.73 -12.76
N TYR A 100 -9.79 -33.65 -13.55
CA TYR A 100 -10.78 -32.62 -13.27
C TYR A 100 -11.85 -32.62 -14.38
N PRO A 101 -13.07 -33.09 -14.06
CA PRO A 101 -14.12 -33.25 -15.06
C PRO A 101 -14.64 -31.91 -15.59
N GLY A 102 -14.71 -31.79 -16.92
CA GLY A 102 -15.26 -30.61 -17.54
C GLY A 102 -14.25 -29.51 -17.80
N LEU A 103 -12.98 -29.76 -17.48
CA LEU A 103 -11.91 -28.78 -17.62
C LEU A 103 -11.04 -29.14 -18.81
N THR A 104 -11.00 -28.24 -19.79
CA THR A 104 -10.34 -28.52 -21.05
C THR A 104 -9.21 -27.55 -21.36
N SER A 105 -9.02 -26.54 -20.51
CA SER A 105 -8.03 -25.50 -20.78
C SER A 105 -7.67 -24.74 -19.50
N TYR A 106 -6.37 -24.49 -19.31
CA TYR A 106 -5.90 -23.76 -18.14
C TYR A 106 -4.57 -23.05 -18.39
N LEU A 107 -4.54 -21.74 -18.19
CA LEU A 107 -3.33 -20.94 -18.41
C LEU A 107 -3.04 -20.02 -17.21
N VAL A 108 -1.78 -19.94 -16.82
CA VAL A 108 -1.30 -18.99 -15.85
C VAL A 108 -0.22 -18.11 -16.47
N ARG A 109 -0.34 -16.79 -16.31
CA ARG A 109 0.73 -15.88 -16.72
C ARG A 109 1.06 -14.87 -15.62
N VAL A 110 2.30 -14.86 -15.14
CA VAL A 110 2.73 -13.88 -14.14
C VAL A 110 2.92 -12.54 -14.84
N VAL A 111 2.11 -11.56 -14.48
CA VAL A 111 2.06 -10.27 -15.16
C VAL A 111 3.20 -9.35 -14.71
N SER A 112 3.42 -9.33 -13.41
CA SER A 112 4.47 -8.51 -12.78
C SER A 112 4.73 -8.95 -11.35
N THR A 113 5.96 -8.77 -10.90
CA THR A 113 6.34 -9.09 -9.54
C THR A 113 7.74 -8.54 -9.26
N ASN A 114 7.95 -8.06 -8.03
CA ASN A 114 9.30 -7.80 -7.50
C ASN A 114 9.74 -8.92 -6.55
N TYR A 115 8.95 -10.00 -6.49
CA TYR A 115 9.30 -11.23 -5.79
C TYR A 115 9.26 -11.18 -4.24
N ASN A 116 9.53 -10.03 -3.61
CA ASN A 116 9.63 -10.01 -2.14
C ASN A 116 8.54 -9.20 -1.43
N GLN A 117 7.77 -8.43 -2.21
CA GLN A 117 6.60 -7.71 -1.69
C GLN A 117 5.29 -8.03 -2.43
N HIS A 118 5.30 -8.02 -3.76
CA HIS A 118 4.04 -8.06 -4.50
C HIS A 118 4.07 -8.79 -5.84
N ALA A 119 2.88 -9.12 -6.33
CA ALA A 119 2.73 -9.76 -7.64
C ALA A 119 1.32 -9.61 -8.19
N MET A 120 1.22 -9.68 -9.50
CA MET A 120 -0.06 -9.77 -10.18
C MET A 120 0.00 -10.95 -11.13
N VAL A 121 -0.96 -11.87 -11.01
CA VAL A 121 -1.01 -13.06 -11.83
C VAL A 121 -2.37 -13.22 -12.50
N PHE A 122 -2.33 -13.58 -13.78
CA PHE A 122 -3.50 -13.76 -14.63
C PHE A 122 -3.77 -15.25 -14.82
N PHE A 123 -5.02 -15.64 -14.67
CA PHE A 123 -5.46 -17.01 -14.89
C PHE A 123 -6.63 -17.05 -15.89
N LYS A 124 -6.58 -17.99 -16.83
CA LYS A 124 -7.68 -18.21 -17.76
C LYS A 124 -7.96 -19.71 -17.86
N LYS A 125 -9.21 -20.11 -17.76
CA LYS A 125 -9.57 -21.50 -17.97
C LYS A 125 -10.87 -21.68 -18.73
N VAL A 126 -11.03 -22.84 -19.36
CA VAL A 126 -12.32 -23.24 -19.91
C VAL A 126 -12.87 -24.46 -19.16
N SER A 127 -14.00 -24.26 -18.50
CA SER A 127 -14.57 -25.29 -17.65
C SER A 127 -16.03 -25.45 -18.02
N GLN A 128 -16.45 -26.68 -18.31
CA GLN A 128 -17.78 -26.99 -18.87
C GLN A 128 -18.07 -26.11 -20.09
N ASN A 129 -17.05 -25.92 -20.93
CA ASN A 129 -17.13 -25.04 -22.12
C ASN A 129 -17.32 -23.52 -21.84
N ARG A 130 -17.21 -23.08 -20.59
CA ARG A 130 -17.29 -21.65 -20.30
C ARG A 130 -15.89 -21.08 -20.03
N GLU A 131 -15.62 -19.89 -20.58
CA GLU A 131 -14.29 -19.29 -20.45
C GLU A 131 -14.22 -18.32 -19.28
N TYR A 132 -13.50 -18.71 -18.22
CA TYR A 132 -13.36 -17.90 -17.03
C TYR A 132 -11.97 -17.27 -16.97
N PHE A 133 -11.88 -16.06 -16.42
CA PHE A 133 -10.57 -15.50 -16.09
C PHE A 133 -10.55 -14.79 -14.72
N LYS A 134 -9.36 -14.73 -14.12
CA LYS A 134 -9.16 -13.89 -12.92
C LYS A 134 -7.75 -13.32 -12.86
N ILE A 135 -7.61 -12.27 -12.05
CA ILE A 135 -6.33 -11.69 -11.73
C ILE A 135 -6.21 -11.66 -10.21
N THR A 136 -5.07 -12.10 -9.70
CA THR A 136 -4.79 -12.01 -8.28
C THR A 136 -3.74 -10.95 -8.03
N LEU A 137 -3.97 -10.13 -7.00
CA LEU A 137 -2.95 -9.26 -6.45
C LEU A 137 -2.36 -10.00 -5.25
N TYR A 138 -1.13 -10.47 -5.42
CA TYR A 138 -0.45 -11.22 -4.37
C TYR A 138 0.40 -10.28 -3.50
N GLY A 139 0.38 -10.55 -2.20
CA GLY A 139 1.18 -9.81 -1.24
C GLY A 139 2.01 -10.76 -0.41
N ARG A 140 3.26 -10.40 -0.23
CA ARG A 140 4.14 -11.13 0.68
C ARG A 140 3.65 -10.94 2.10
N THR A 141 3.12 -9.74 2.37
CA THR A 141 2.37 -9.44 3.57
C THR A 141 0.88 -9.25 3.24
N LYS A 142 0.04 -9.18 4.29
CA LYS A 142 -1.42 -9.06 4.13
C LYS A 142 -1.90 -7.67 3.70
N GLU A 143 -1.00 -6.70 3.75
CA GLU A 143 -1.34 -5.32 3.37
C GLU A 143 -0.39 -4.84 2.32
N LEU A 144 -0.92 -4.03 1.40
CA LEU A 144 -0.12 -3.42 0.35
C LEU A 144 -0.50 -1.95 0.23
N THR A 145 0.37 -1.20 -0.44
CA THR A 145 0.19 0.24 -0.56
C THR A 145 -1.03 0.56 -1.41
N SER A 146 -1.60 1.74 -1.14
CA SER A 146 -2.67 2.29 -1.96
C SER A 146 -2.30 2.33 -3.44
N GLU A 147 -1.03 2.61 -3.72
CA GLU A 147 -0.52 2.67 -5.08
C GLU A 147 -0.63 1.33 -5.81
N LEU A 148 -0.31 0.22 -5.12
CA LEU A 148 -0.35 -1.10 -5.75
C LEU A 148 -1.78 -1.58 -5.92
N LYS A 149 -2.65 -1.23 -4.99
CA LYS A 149 -4.05 -1.60 -5.10
C LYS A 149 -4.72 -0.85 -6.28
N GLU A 150 -4.44 0.44 -6.43
CA GLU A 150 -4.98 1.21 -7.54
C GLU A 150 -4.46 0.73 -8.88
N ASN A 151 -3.17 0.37 -8.95
CA ASN A 151 -2.63 -0.22 -10.18
C ASN A 151 -3.37 -1.51 -10.54
N PHE A 152 -3.61 -2.36 -9.54
CA PHE A 152 -4.39 -3.58 -9.71
C PHE A 152 -5.79 -3.27 -10.25
N ILE A 153 -6.44 -2.26 -9.70
CA ILE A 153 -7.77 -1.86 -10.17
C ILE A 153 -7.68 -1.41 -11.64
N ARG A 154 -6.70 -0.59 -11.95
CA ARG A 154 -6.57 -0.05 -13.31
C ARG A 154 -6.38 -1.20 -14.31
N PHE A 155 -5.55 -2.16 -13.94
CA PHE A 155 -5.26 -3.30 -14.80
C PHE A 155 -6.52 -4.17 -14.98
N SER A 156 -7.25 -4.43 -13.90
CA SER A 156 -8.45 -5.22 -13.97
C SER A 156 -9.47 -4.56 -14.89
N LYS A 157 -9.65 -3.24 -14.74
CA LYS A 157 -10.55 -2.48 -15.62
C LYS A 157 -10.07 -2.48 -17.07
N SER A 158 -8.77 -2.44 -17.27
CA SER A 158 -8.24 -2.51 -18.63
C SER A 158 -8.58 -3.85 -19.32
N LEU A 159 -8.93 -4.88 -18.53
CA LEU A 159 -9.30 -6.18 -19.06
C LEU A 159 -10.83 -6.35 -19.17
N GLY A 160 -11.56 -5.26 -18.96
CA GLY A 160 -13.02 -5.28 -19.13
C GLY A 160 -13.81 -5.46 -17.84
N LEU A 161 -13.14 -5.53 -16.69
CA LEU A 161 -13.85 -5.81 -15.45
C LEU A 161 -14.29 -4.52 -14.75
N PRO A 162 -15.57 -4.42 -14.36
CA PRO A 162 -16.00 -3.31 -13.51
C PRO A 162 -15.70 -3.55 -12.03
N GLU A 163 -15.92 -2.51 -11.22
CA GLU A 163 -15.51 -2.49 -9.81
C GLU A 163 -16.15 -3.58 -9.00
N ASN A 164 -17.42 -3.88 -9.28
CA ASN A 164 -18.10 -4.95 -8.56
C ASN A 164 -17.61 -6.35 -8.94
N HIS A 165 -16.65 -6.45 -9.85
CA HIS A 165 -15.93 -7.71 -10.07
C HIS A 165 -14.49 -7.64 -9.51
N ILE A 166 -14.23 -6.66 -8.65
CA ILE A 166 -12.91 -6.45 -8.08
C ILE A 166 -13.04 -6.38 -6.57
N VAL A 167 -12.41 -7.33 -5.89
CA VAL A 167 -12.59 -7.54 -4.45
C VAL A 167 -11.24 -7.42 -3.74
N PHE A 168 -11.26 -6.94 -2.50
CA PHE A 168 -10.07 -6.91 -1.66
C PHE A 168 -10.40 -7.71 -0.42
N PRO A 169 -9.98 -8.98 -0.39
CA PRO A 169 -10.34 -9.84 0.74
C PRO A 169 -9.83 -9.32 2.10
N VAL A 170 -10.62 -9.57 3.14
CA VAL A 170 -10.33 -9.03 4.46
C VAL A 170 -9.26 -9.89 5.15
N PRO A 171 -8.18 -9.25 5.64
CA PRO A 171 -7.16 -10.02 6.39
C PRO A 171 -7.74 -10.84 7.53
N ILE A 172 -7.26 -12.06 7.70
CA ILE A 172 -7.60 -12.88 8.86
C ILE A 172 -6.32 -13.55 9.39
N ASP A 173 -6.43 -14.20 10.55
CA ASP A 173 -5.29 -14.87 11.16
C ASP A 173 -5.38 -16.39 11.05
N GLN A 174 -6.60 -16.93 11.09
CA GLN A 174 -6.81 -18.37 11.02
C GLN A 174 -6.26 -18.94 9.72
N CYS A 175 -5.56 -20.07 9.83
CA CYS A 175 -5.14 -20.90 8.68
C CYS A 175 -4.00 -20.35 7.82
N ILE A 176 -4.00 -19.05 7.54
CA ILE A 176 -3.05 -18.49 6.55
C ILE A 176 -1.71 -17.99 7.14
N ASP A 177 -1.60 -17.92 8.46
CA ASP A 177 -0.36 -17.48 9.11
C ASP A 177 0.65 -18.62 9.31
N GLY A 178 0.28 -19.86 9.00
CA GLY A 178 1.21 -21.00 9.10
C GLY A 178 2.51 -20.83 8.30
N SER B 5 -38.79 10.09 -2.43
CA SER B 5 -37.45 10.19 -3.06
C SER B 5 -36.35 9.85 -2.05
N ASP B 6 -35.24 9.27 -2.54
CA ASP B 6 -34.16 8.73 -1.70
C ASP B 6 -32.80 9.34 -2.01
N LEU B 7 -32.07 9.77 -0.97
CA LEU B 7 -30.74 10.37 -1.10
C LEU B 7 -29.70 9.73 -0.18
N ILE B 8 -28.48 9.52 -0.68
CA ILE B 8 -27.38 9.09 0.16
C ILE B 8 -27.14 10.14 1.24
N PRO B 9 -27.12 9.73 2.52
CA PRO B 9 -27.06 10.77 3.57
C PRO B 9 -25.77 11.61 3.50
N ALA B 10 -25.90 12.88 3.87
CA ALA B 10 -24.77 13.76 4.03
C ALA B 10 -23.90 13.29 5.20
N PRO B 11 -22.57 13.26 5.02
CA PRO B 11 -21.74 12.83 6.14
C PRO B 11 -21.68 13.88 7.23
N PRO B 12 -21.34 13.48 8.46
CA PRO B 12 -21.02 14.47 9.48
C PRO B 12 -19.78 15.27 9.07
N LEU B 13 -19.72 16.53 9.48
CA LEU B 13 -18.61 17.41 9.10
C LEU B 13 -17.30 16.92 9.72
N SER B 14 -17.39 16.08 10.75
CA SER B 14 -16.22 15.43 11.34
C SER B 14 -15.50 14.50 10.35
N LYS B 15 -16.19 14.05 9.31
CA LYS B 15 -15.59 13.20 8.26
C LYS B 15 -15.06 14.02 7.07
N VAL B 16 -15.11 15.35 7.16
CA VAL B 16 -14.69 16.23 6.10
C VAL B 16 -13.58 17.16 6.61
N PRO B 17 -12.32 16.90 6.21
CA PRO B 17 -11.22 17.74 6.72
C PRO B 17 -11.29 19.19 6.27
N LEU B 18 -10.65 20.08 7.01
CA LEU B 18 -10.44 21.47 6.60
C LEU B 18 -8.96 21.70 6.37
N GLN B 19 -8.64 22.38 5.26
CA GLN B 19 -7.24 22.70 4.95
C GLN B 19 -6.65 23.57 6.07
N GLN B 20 -5.52 23.14 6.63
CA GLN B 20 -4.79 23.93 7.64
C GLN B 20 -4.33 25.26 7.04
N ASN B 21 -4.47 26.34 7.82
CA ASN B 21 -3.87 27.64 7.49
C ASN B 21 -4.22 28.11 6.08
N PHE B 22 -5.51 28.04 5.77
CA PHE B 22 -6.02 28.40 4.45
C PHE B 22 -5.59 29.81 4.07
N GLN B 23 -5.13 29.99 2.83
CA GLN B 23 -4.58 31.26 2.37
C GLN B 23 -5.42 31.77 1.19
N ASP B 24 -6.35 32.67 1.49
CA ASP B 24 -7.40 33.07 0.55
C ASP B 24 -6.86 33.71 -0.74
N ASN B 25 -5.82 34.54 -0.61
CA ASN B 25 -5.21 35.19 -1.77
C ASN B 25 -4.55 34.22 -2.76
N GLN B 26 -4.11 33.06 -2.27
CA GLN B 26 -3.47 32.06 -3.11
C GLN B 26 -4.52 31.15 -3.78
N PHE B 27 -5.70 31.05 -3.19
CA PHE B 27 -6.78 30.21 -3.71
C PHE B 27 -7.52 30.89 -4.87
N GLN B 28 -7.39 32.21 -4.94
CA GLN B 28 -8.16 33.02 -5.89
C GLN B 28 -7.87 32.66 -7.36
N GLY B 29 -8.77 33.10 -8.23
CA GLY B 29 -8.62 32.88 -9.67
C GLY B 29 -9.43 31.72 -10.20
N LYS B 30 -9.03 31.22 -11.37
CA LYS B 30 -9.80 30.21 -12.08
C LYS B 30 -9.40 28.78 -11.71
N TRP B 31 -10.43 27.96 -11.51
CA TRP B 31 -10.28 26.53 -11.29
C TRP B 31 -11.13 25.76 -12.30
N TYR B 32 -10.56 24.70 -12.86
CA TYR B 32 -11.29 23.81 -13.75
C TYR B 32 -11.89 22.67 -12.94
N VAL B 33 -13.11 22.29 -13.27
CA VAL B 33 -13.78 21.18 -12.58
C VAL B 33 -13.43 19.85 -13.27
N VAL B 34 -12.40 19.20 -12.72
CA VAL B 34 -11.80 17.99 -13.25
C VAL B 34 -12.47 16.75 -12.68
N GLY B 35 -13.05 16.89 -11.49
CA GLY B 35 -13.80 15.82 -10.85
C GLY B 35 -15.02 16.39 -10.14
N LEU B 36 -16.11 15.62 -10.15
CA LEU B 36 -17.39 16.02 -9.61
C LEU B 36 -18.06 14.82 -8.95
N ALA B 37 -18.50 14.98 -7.70
CA ALA B 37 -19.22 13.87 -7.02
C ALA B 37 -20.20 14.37 -5.98
N GLY B 38 -21.25 13.58 -5.73
CA GLY B 38 -22.25 13.92 -4.69
C GLY B 38 -23.54 13.12 -4.77
N ASN B 39 -24.41 13.29 -3.77
CA ASN B 39 -25.64 12.47 -3.68
C ASN B 39 -26.69 12.80 -4.76
N ALA B 40 -26.53 13.92 -5.45
CA ALA B 40 -27.36 14.23 -6.62
C ALA B 40 -26.54 14.36 -7.92
N ILE B 41 -25.28 13.97 -7.91
CA ILE B 41 -24.49 13.80 -9.12
C ILE B 41 -24.60 12.35 -9.56
N LEU B 42 -24.80 12.14 -10.86
CA LEU B 42 -24.94 10.80 -11.43
C LEU B 42 -24.29 10.69 -12.82
N ARG B 43 -23.48 9.64 -13.00
CA ARG B 43 -22.89 9.33 -14.29
C ARG B 43 -23.99 8.97 -15.30
N GLU B 44 -24.04 9.73 -16.41
CA GLU B 44 -25.05 9.51 -17.46
C GLU B 44 -24.43 9.72 -18.83
N LYS B 46 -23.86 8.40 -21.70
CA LYS B 46 -24.98 8.83 -22.55
C LYS B 46 -24.70 10.21 -23.18
N ASP B 47 -24.72 11.25 -22.34
CA ASP B 47 -24.34 12.60 -22.74
C ASP B 47 -23.40 13.17 -21.68
N PRO B 48 -22.14 12.66 -21.63
CA PRO B 48 -21.18 12.89 -20.52
C PRO B 48 -21.08 14.34 -20.07
N GLN B 49 -20.86 14.54 -18.78
CA GLN B 49 -20.72 15.88 -18.22
C GLN B 49 -19.53 16.60 -18.87
N LYS B 50 -19.80 17.77 -19.45
CA LYS B 50 -18.76 18.63 -20.01
C LYS B 50 -18.10 19.43 -18.89
N MET B 51 -16.80 19.67 -19.03
CA MET B 51 -16.06 20.45 -18.06
C MET B 51 -16.54 21.89 -18.03
N TYR B 52 -16.69 22.43 -16.82
CA TYR B 52 -17.00 23.83 -16.63
C TYR B 52 -15.93 24.41 -15.69
N ALA B 53 -15.89 25.74 -15.60
CA ALA B 53 -14.88 26.43 -14.79
C ALA B 53 -15.55 27.30 -13.77
N THR B 54 -14.85 27.57 -12.67
CA THR B 54 -15.35 28.39 -11.58
C THR B 54 -14.26 29.36 -11.14
N ILE B 55 -14.61 30.65 -11.13
CA ILE B 55 -13.69 31.74 -10.89
C ILE B 55 -13.95 32.39 -9.54
N TYR B 56 -12.93 32.41 -8.71
CA TYR B 56 -12.99 32.99 -7.37
C TYR B 56 -12.23 34.31 -7.34
N GLU B 57 -12.97 35.43 -7.37
CA GLU B 57 -12.35 36.76 -7.29
C GLU B 57 -12.38 37.25 -5.84
N LEU B 58 -11.20 37.37 -5.24
CA LEU B 58 -11.07 37.84 -3.89
C LEU B 58 -11.33 39.35 -3.87
N LYS B 59 -12.43 39.74 -3.22
CA LYS B 59 -12.84 41.14 -3.14
C LYS B 59 -12.17 41.83 -1.96
N GLU B 60 -12.14 43.16 -2.00
CA GLU B 60 -11.52 43.95 -0.92
C GLU B 60 -12.15 43.66 0.45
N ASP B 61 -13.45 43.34 0.45
CA ASP B 61 -14.14 42.95 1.70
C ASP B 61 -13.78 41.53 2.19
N LYS B 62 -12.97 40.81 1.40
CA LYS B 62 -12.44 39.47 1.71
C LYS B 62 -13.43 38.32 1.43
N SER B 63 -14.53 38.66 0.76
CA SER B 63 -15.45 37.66 0.20
C SER B 63 -14.96 37.26 -1.18
N TYR B 64 -15.52 36.15 -1.68
CA TYR B 64 -15.28 35.71 -3.05
C TYR B 64 -16.48 35.97 -3.91
N ASN B 65 -16.29 36.63 -5.05
CA ASN B 65 -17.29 36.62 -6.09
C ASN B 65 -17.01 35.40 -6.93
N VAL B 66 -17.99 34.50 -6.97
CA VAL B 66 -17.83 33.20 -7.58
C VAL B 66 -18.59 33.16 -8.89
N THR B 67 -17.87 32.99 -10.00
CA THR B 67 -18.49 32.91 -11.33
C THR B 67 -18.21 31.55 -11.94
N SER B 68 -19.28 30.80 -12.20
CA SER B 68 -19.17 29.54 -12.91
C SER B 68 -19.52 29.75 -14.38
N VAL B 69 -18.68 29.23 -15.26
CA VAL B 69 -18.90 29.32 -16.70
C VAL B 69 -19.03 27.92 -17.27
N LEU B 70 -20.14 27.66 -17.93
CA LEU B 70 -20.37 26.39 -18.63
C LEU B 70 -20.89 26.61 -20.06
N PHE B 71 -20.62 25.63 -20.90
CA PHE B 71 -21.03 25.65 -22.30
C PHE B 71 -22.27 24.79 -22.45
N ARG B 72 -23.42 25.43 -22.62
CA ARG B 72 -24.70 24.75 -22.75
C ARG B 72 -25.53 25.35 -23.89
N LYS B 73 -26.02 24.48 -24.78
CA LYS B 73 -26.94 24.90 -25.87
C LYS B 73 -26.28 25.95 -26.79
N LYS B 74 -25.05 25.65 -27.21
CA LYS B 74 -24.26 26.53 -28.09
C LYS B 74 -23.91 27.93 -27.49
N LYS B 75 -24.10 28.11 -26.19
CA LYS B 75 -23.86 29.40 -25.54
C LYS B 75 -23.03 29.25 -24.27
N CYS B 76 -22.41 30.35 -23.86
CA CYS B 76 -21.69 30.42 -22.60
C CYS B 76 -22.66 30.88 -21.52
N ASP B 77 -22.89 30.01 -20.52
CA ASP B 77 -23.77 30.31 -19.40
C ASP B 77 -22.96 30.73 -18.19
N TYR B 78 -23.35 31.85 -17.59
CA TYR B 78 -22.67 32.37 -16.40
C TYR B 78 -23.60 32.29 -15.19
N TRP B 79 -23.18 31.56 -14.16
CA TRP B 79 -23.86 31.51 -12.87
C TRP B 79 -22.98 32.23 -11.86
N ILE B 80 -23.51 33.28 -11.23
CA ILE B 80 -22.75 34.08 -10.27
C ILE B 80 -23.34 33.96 -8.87
N ARG B 81 -22.47 33.83 -7.88
CA ARG B 81 -22.85 33.81 -6.48
C ARG B 81 -21.79 34.52 -5.65
N THR B 82 -22.05 34.71 -4.37
CA THR B 82 -21.05 35.26 -3.44
C THR B 82 -20.76 34.29 -2.30
N PHE B 83 -19.49 34.07 -2.00
CA PHE B 83 -19.07 33.23 -0.88
C PHE B 83 -18.50 34.12 0.22
N VAL B 84 -19.14 34.08 1.38
CA VAL B 84 -18.74 34.89 2.52
C VAL B 84 -17.98 34.02 3.52
N PRO B 85 -16.80 34.48 4.00
CA PRO B 85 -15.98 33.70 4.93
C PRO B 85 -16.71 33.31 6.21
N GLY B 86 -16.52 32.06 6.64
CA GLY B 86 -17.17 31.51 7.83
C GLY B 86 -16.32 31.67 9.09
N SER B 87 -16.54 30.77 10.05
CA SER B 87 -15.88 30.86 11.35
C SER B 87 -14.39 30.54 11.28
N GLN B 88 -14.04 29.53 10.50
CA GLN B 88 -12.64 29.16 10.27
C GLN B 88 -12.22 29.61 8.86
N PRO B 89 -10.93 29.99 8.70
CA PRO B 89 -10.41 30.22 7.36
C PRO B 89 -10.48 28.95 6.52
N GLY B 90 -11.03 29.08 5.30
CA GLY B 90 -11.27 27.93 4.42
C GLY B 90 -12.74 27.51 4.36
N GLU B 91 -13.55 28.00 5.30
CA GLU B 91 -14.99 27.78 5.29
C GLU B 91 -15.71 28.99 4.73
N PHE B 92 -16.84 28.74 4.06
CA PHE B 92 -17.63 29.81 3.46
C PHE B 92 -19.13 29.56 3.56
N THR B 93 -19.87 30.67 3.49
CA THR B 93 -21.33 30.65 3.47
C THR B 93 -21.80 31.36 2.19
N LEU B 94 -23.07 31.18 1.85
CA LEU B 94 -23.59 31.76 0.62
C LEU B 94 -24.12 33.15 0.90
N GLY B 95 -23.57 34.15 0.21
CA GLY B 95 -24.07 35.52 0.30
C GLY B 95 -25.47 35.60 -0.29
N ASN B 96 -26.32 36.41 0.33
CA ASN B 96 -27.72 36.55 -0.07
C ASN B 96 -28.49 35.21 -0.15
N ILE B 97 -28.21 34.32 0.80
CA ILE B 97 -28.93 33.04 0.92
C ILE B 97 -30.45 33.24 1.01
N LYS B 98 -30.87 34.34 1.63
CA LYS B 98 -32.30 34.62 1.82
C LYS B 98 -33.04 34.99 0.52
N SER B 99 -32.30 35.29 -0.54
CA SER B 99 -32.92 35.59 -1.85
C SER B 99 -33.21 34.31 -2.66
N TYR B 100 -32.69 33.18 -2.17
CA TYR B 100 -32.92 31.88 -2.82
C TYR B 100 -33.96 31.10 -2.03
N PRO B 101 -35.19 30.99 -2.59
CA PRO B 101 -36.29 30.38 -1.85
C PRO B 101 -36.16 28.87 -1.81
N GLY B 102 -36.52 28.25 -0.69
CA GLY B 102 -36.31 26.82 -0.49
C GLY B 102 -34.92 26.46 0.01
N LEU B 103 -33.97 27.39 -0.12
CA LEU B 103 -32.61 27.15 0.33
C LEU B 103 -32.43 27.68 1.74
N THR B 104 -32.35 26.77 2.71
CA THR B 104 -32.29 27.15 4.11
C THR B 104 -30.89 27.00 4.74
N SER B 105 -30.07 26.10 4.21
CA SER B 105 -28.70 25.90 4.70
C SER B 105 -27.72 25.82 3.55
N TYR B 106 -26.52 26.35 3.75
CA TYR B 106 -25.46 26.27 2.74
C TYR B 106 -24.08 26.45 3.37
N LEU B 107 -23.20 25.50 3.08
CA LEU B 107 -21.85 25.49 3.63
C LEU B 107 -20.81 25.04 2.59
N VAL B 108 -19.66 25.73 2.59
CA VAL B 108 -18.52 25.36 1.77
C VAL B 108 -17.34 25.12 2.69
N ARG B 109 -16.60 24.05 2.44
CA ARG B 109 -15.37 23.75 3.18
C ARG B 109 -14.30 23.25 2.23
N VAL B 110 -13.25 24.06 2.07
CA VAL B 110 -12.07 23.69 1.33
C VAL B 110 -11.37 22.56 2.07
N VAL B 111 -11.36 21.37 1.47
CA VAL B 111 -10.87 20.17 2.15
C VAL B 111 -9.34 20.13 2.13
N SER B 112 -8.78 20.38 0.95
CA SER B 112 -7.34 20.36 0.76
C SER B 112 -6.96 21.06 -0.54
N THR B 113 -5.79 21.70 -0.54
CA THR B 113 -5.27 22.32 -1.74
C THR B 113 -3.78 22.65 -1.60
N ASN B 114 -3.08 22.66 -2.72
CA ASN B 114 -1.74 23.25 -2.80
C ASN B 114 -1.73 24.55 -3.63
N TYR B 115 -2.92 25.10 -3.88
CA TYR B 115 -3.11 26.46 -4.41
C TYR B 115 -2.76 26.65 -5.91
N ASN B 116 -1.68 26.03 -6.37
CA ASN B 116 -1.19 26.24 -7.75
C ASN B 116 -1.40 25.08 -8.72
N GLN B 117 -1.84 23.92 -8.23
CA GLN B 117 -2.15 22.76 -9.07
C GLN B 117 -3.60 22.25 -8.89
N HIS B 118 -3.97 21.98 -7.63
CA HIS B 118 -5.22 21.29 -7.33
C HIS B 118 -5.86 21.69 -5.99
N ALA B 119 -7.17 21.46 -5.91
CA ALA B 119 -7.93 21.62 -4.68
C ALA B 119 -9.11 20.64 -4.65
N MET B 120 -9.52 20.27 -3.44
CA MET B 120 -10.78 19.56 -3.21
C MET B 120 -11.70 20.37 -2.31
N VAL B 121 -12.92 20.64 -2.79
CA VAL B 121 -13.88 21.46 -2.05
C VAL B 121 -15.20 20.73 -1.79
N PHE B 122 -15.64 20.76 -0.55
CA PHE B 122 -16.88 20.12 -0.12
C PHE B 122 -17.99 21.15 0.05
N PHE B 123 -19.14 20.88 -0.58
CA PHE B 123 -20.31 21.74 -0.49
C PHE B 123 -21.48 20.96 0.09
N LYS B 124 -22.16 21.56 1.07
CA LYS B 124 -23.36 20.98 1.68
C LYS B 124 -24.48 22.03 1.74
N LYS B 125 -25.70 21.62 1.43
CA LYS B 125 -26.87 22.51 1.52
C LYS B 125 -28.17 21.75 1.84
N VAL B 126 -29.13 22.46 2.43
CA VAL B 126 -30.50 21.95 2.59
C VAL B 126 -31.44 22.75 1.67
N SER B 127 -32.02 22.06 0.70
CA SER B 127 -32.89 22.68 -0.29
C SER B 127 -34.23 21.97 -0.30
N GLN B 128 -35.31 22.72 -0.08
CA GLN B 128 -36.66 22.15 0.06
C GLN B 128 -36.62 20.94 0.99
N ASN B 129 -36.03 21.16 2.16
CA ASN B 129 -35.93 20.16 3.23
C ASN B 129 -35.09 18.91 2.90
N ARG B 130 -34.45 18.87 1.74
CA ARG B 130 -33.60 17.74 1.37
C ARG B 130 -32.13 18.10 1.57
N GLU B 131 -31.33 17.15 2.05
CA GLU B 131 -29.91 17.40 2.33
C GLU B 131 -29.03 16.91 1.17
N TYR B 132 -28.43 17.85 0.46
CA TYR B 132 -27.52 17.56 -0.65
C TYR B 132 -26.08 17.85 -0.29
N PHE B 133 -25.16 17.10 -0.88
CA PHE B 133 -23.73 17.42 -0.78
C PHE B 133 -22.99 17.06 -2.07
N LYS B 134 -21.93 17.81 -2.37
CA LYS B 134 -21.04 17.47 -3.47
C LYS B 134 -19.57 17.76 -3.13
N ILE B 135 -18.67 17.09 -3.85
CA ILE B 135 -17.25 17.39 -3.80
C ILE B 135 -16.78 17.73 -5.21
N THR B 136 -16.05 18.83 -5.35
CA THR B 136 -15.40 19.15 -6.62
C THR B 136 -13.91 18.89 -6.49
N LEU B 137 -13.31 18.33 -7.52
CA LEU B 137 -11.85 18.24 -7.62
C LEU B 137 -11.45 19.35 -8.57
N TYR B 138 -10.78 20.36 -8.04
CA TYR B 138 -10.38 21.52 -8.83
C TYR B 138 -8.97 21.32 -9.37
N GLY B 139 -8.78 21.74 -10.61
CA GLY B 139 -7.48 21.74 -11.27
C GLY B 139 -7.16 23.12 -11.83
N ARG B 140 -5.94 23.59 -11.61
CA ARG B 140 -5.52 24.86 -12.19
C ARG B 140 -5.42 24.74 -13.71
N THR B 141 -5.23 23.51 -14.18
CA THR B 141 -5.30 23.16 -15.60
C THR B 141 -6.45 22.17 -15.84
N LYS B 142 -6.74 21.89 -17.11
CA LYS B 142 -7.85 20.97 -17.47
C LYS B 142 -7.58 19.50 -17.17
N GLU B 143 -6.33 19.16 -16.85
CA GLU B 143 -5.95 17.78 -16.52
C GLU B 143 -5.28 17.69 -15.16
N LEU B 144 -5.43 16.54 -14.51
CA LEU B 144 -4.70 16.25 -13.28
C LEU B 144 -4.21 14.81 -13.30
N THR B 145 -3.33 14.49 -12.36
CA THR B 145 -2.69 13.19 -12.31
C THR B 145 -3.66 12.12 -11.82
N SER B 146 -3.39 10.87 -12.22
CA SER B 146 -4.19 9.71 -11.82
C SER B 146 -4.15 9.49 -10.31
N GLU B 147 -3.02 9.83 -9.70
CA GLU B 147 -2.86 9.79 -8.24
C GLU B 147 -3.84 10.77 -7.56
N LEU B 148 -4.03 11.93 -8.16
CA LEU B 148 -4.96 12.94 -7.64
C LEU B 148 -6.43 12.54 -7.87
N LYS B 149 -6.72 12.00 -9.05
CA LYS B 149 -8.05 11.44 -9.33
C LYS B 149 -8.40 10.28 -8.40
N GLU B 150 -7.41 9.44 -8.08
CA GLU B 150 -7.62 8.29 -7.18
C GLU B 150 -7.86 8.73 -5.73
N ASN B 151 -7.12 9.74 -5.28
CA ASN B 151 -7.35 10.32 -3.95
C ASN B 151 -8.74 10.96 -3.87
N PHE B 152 -9.22 11.50 -4.98
CA PHE B 152 -10.56 12.09 -5.05
C PHE B 152 -11.63 11.02 -4.93
N ILE B 153 -11.52 9.95 -5.72
CA ILE B 153 -12.44 8.80 -5.61
C ILE B 153 -12.45 8.23 -4.19
N ARG B 154 -11.27 7.99 -3.65
CA ARG B 154 -11.10 7.42 -2.32
C ARG B 154 -11.78 8.28 -1.26
N PHE B 155 -11.60 9.59 -1.34
CA PHE B 155 -12.23 10.52 -0.40
C PHE B 155 -13.76 10.52 -0.57
N SER B 156 -14.21 10.54 -1.82
CA SER B 156 -15.62 10.48 -2.15
C SER B 156 -16.30 9.22 -1.57
N LYS B 157 -15.63 8.07 -1.68
CA LYS B 157 -16.19 6.83 -1.14
C LYS B 157 -16.20 6.87 0.39
N SER B 158 -15.20 7.52 0.98
CA SER B 158 -15.15 7.67 2.44
C SER B 158 -16.33 8.48 2.98
N LEU B 159 -17.01 9.22 2.11
CA LEU B 159 -18.21 9.97 2.49
C LEU B 159 -19.50 9.23 2.13
N GLY B 160 -19.38 8.04 1.54
CA GLY B 160 -20.52 7.16 1.24
C GLY B 160 -20.86 7.05 -0.25
N LEU B 161 -20.19 7.83 -1.08
CA LEU B 161 -20.56 7.91 -2.48
C LEU B 161 -20.01 6.73 -3.28
N PRO B 162 -20.88 5.99 -3.99
CA PRO B 162 -20.42 4.95 -4.91
C PRO B 162 -19.93 5.54 -6.22
N GLU B 163 -19.34 4.70 -7.07
CA GLU B 163 -18.70 5.14 -8.31
C GLU B 163 -19.64 5.80 -9.33
N ASN B 164 -20.90 5.37 -9.37
CA ASN B 164 -21.88 5.97 -10.30
C ASN B 164 -22.34 7.37 -9.87
N HIS B 165 -21.91 7.80 -8.67
CA HIS B 165 -22.08 9.18 -8.22
C HIS B 165 -20.76 9.97 -8.28
N ILE B 166 -19.78 9.44 -9.02
CA ILE B 166 -18.48 10.09 -9.19
C ILE B 166 -18.19 10.26 -10.67
N VAL B 167 -17.91 11.49 -11.09
CA VAL B 167 -17.79 11.87 -12.50
C VAL B 167 -16.48 12.59 -12.75
N PHE B 168 -15.94 12.45 -13.95
CA PHE B 168 -14.73 13.16 -14.37
C PHE B 168 -15.02 13.90 -15.67
N PRO B 169 -15.48 15.16 -15.57
CA PRO B 169 -15.97 15.90 -16.73
C PRO B 169 -14.97 15.96 -17.91
N VAL B 170 -15.51 15.88 -19.12
CA VAL B 170 -14.72 15.91 -20.35
C VAL B 170 -14.24 17.33 -20.65
N PRO B 171 -12.91 17.52 -20.84
CA PRO B 171 -12.41 18.87 -21.15
C PRO B 171 -12.95 19.41 -22.47
N ILE B 172 -13.15 20.72 -22.53
CA ILE B 172 -13.58 21.41 -23.75
C ILE B 172 -12.77 22.69 -23.94
N ASP B 173 -12.93 23.33 -25.10
CA ASP B 173 -12.23 24.58 -25.40
C ASP B 173 -13.14 25.81 -25.27
N GLN B 174 -14.44 25.62 -25.44
CA GLN B 174 -15.41 26.74 -25.45
C GLN B 174 -15.67 27.30 -24.06
N CYS B 175 -15.78 28.63 -23.97
CA CYS B 175 -16.23 29.36 -22.77
C CYS B 175 -15.27 29.35 -21.56
N ILE B 176 -14.71 28.20 -21.23
CA ILE B 176 -13.98 28.01 -19.97
C ILE B 176 -12.51 28.47 -20.01
N ASP B 177 -12.06 29.01 -21.15
CA ASP B 177 -10.70 29.51 -21.29
C ASP B 177 -10.74 31.01 -21.55
N ASP C 6 24.12 -0.53 35.93
CA ASP C 6 22.70 -0.16 35.75
C ASP C 6 22.38 -0.08 34.27
N LEU C 7 21.34 -0.78 33.82
CA LEU C 7 20.98 -0.84 32.40
C LEU C 7 19.53 -0.50 32.19
N ILE C 8 19.23 0.19 31.09
CA ILE C 8 17.85 0.33 30.64
C ILE C 8 17.31 -1.08 30.39
N PRO C 9 16.09 -1.39 30.87
CA PRO C 9 15.59 -2.75 30.76
C PRO C 9 15.23 -3.14 29.32
N ALA C 10 15.43 -4.41 29.01
CA ALA C 10 14.94 -4.98 27.77
C ALA C 10 13.43 -4.85 27.73
N PRO C 11 12.87 -4.46 26.56
CA PRO C 11 11.44 -4.29 26.49
C PRO C 11 10.77 -5.65 26.46
N PRO C 12 9.50 -5.72 26.83
CA PRO C 12 8.84 -7.01 26.60
C PRO C 12 8.76 -7.33 25.10
N LEU C 13 8.89 -8.59 24.73
CA LEU C 13 8.86 -8.98 23.30
C LEU C 13 7.56 -8.59 22.58
N SER C 14 6.51 -8.31 23.36
CA SER C 14 5.24 -7.84 22.85
CA SER C 14 5.23 -7.82 22.86
C SER C 14 5.36 -6.49 22.13
N LYS C 15 6.38 -5.72 22.48
CA LYS C 15 6.64 -4.42 21.84
C LYS C 15 7.59 -4.50 20.65
N VAL C 16 8.03 -5.71 20.28
CA VAL C 16 9.00 -5.89 19.19
C VAL C 16 8.35 -6.67 18.06
N PRO C 17 7.84 -5.96 17.03
CA PRO C 17 7.17 -6.65 15.91
C PRO C 17 8.11 -7.62 15.21
N LEU C 18 7.52 -8.63 14.59
CA LEU C 18 8.22 -9.60 13.77
C LEU C 18 7.75 -9.42 12.34
N GLN C 19 8.70 -9.28 11.41
CA GLN C 19 8.38 -9.22 9.99
C GLN C 19 7.49 -10.40 9.56
N GLN C 20 6.35 -10.05 9.01
CA GLN C 20 5.37 -11.00 8.49
C GLN C 20 5.95 -11.76 7.30
N ASN C 21 5.83 -13.09 7.32
CA ASN C 21 6.19 -13.98 6.21
C ASN C 21 7.64 -13.74 5.74
N PHE C 22 8.56 -13.82 6.70
CA PHE C 22 9.97 -13.57 6.48
C PHE C 22 10.52 -14.47 5.39
N GLN C 23 11.24 -13.86 4.45
CA GLN C 23 11.85 -14.57 3.33
CA GLN C 23 11.86 -14.55 3.32
C GLN C 23 13.36 -14.65 3.50
N ASP C 24 13.85 -15.78 3.99
CA ASP C 24 15.27 -15.91 4.33
C ASP C 24 16.20 -15.76 3.13
N ASN C 25 15.75 -16.19 1.95
CA ASN C 25 16.55 -16.05 0.71
C ASN C 25 16.77 -14.59 0.35
N GLN C 26 15.73 -13.79 0.48
CA GLN C 26 15.78 -12.38 0.09
C GLN C 26 16.57 -11.49 1.07
N PHE C 27 16.69 -11.91 2.33
CA PHE C 27 17.39 -11.14 3.36
C PHE C 27 18.90 -11.26 3.27
N GLN C 28 19.36 -12.28 2.55
CA GLN C 28 20.79 -12.59 2.37
C GLN C 28 21.58 -11.46 1.81
N GLY C 29 22.89 -11.52 1.97
CA GLY C 29 23.81 -10.53 1.40
C GLY C 29 24.34 -9.56 2.45
N LYS C 30 24.90 -8.47 1.96
CA LYS C 30 25.53 -7.46 2.80
C LYS C 30 24.55 -6.38 3.23
N TRP C 31 24.62 -6.02 4.50
CA TRP C 31 23.89 -4.89 5.02
C TRP C 31 24.85 -3.96 5.73
N TYR C 32 24.72 -2.66 5.49
CA TYR C 32 25.46 -1.66 6.22
C TYR C 32 24.67 -1.19 7.45
N VAL C 33 25.38 -0.94 8.54
CA VAL C 33 24.75 -0.47 9.75
C VAL C 33 24.70 1.08 9.72
N VAL C 34 23.59 1.59 9.22
CA VAL C 34 23.33 3.03 9.07
C VAL C 34 22.83 3.67 10.36
N GLY C 35 22.24 2.84 11.22
CA GLY C 35 21.83 3.24 12.56
C GLY C 35 21.96 2.11 13.57
N LEU C 36 22.18 2.49 14.82
CA LEU C 36 22.48 1.59 15.90
C LEU C 36 21.93 2.20 17.18
N ALA C 37 21.15 1.42 17.93
CA ALA C 37 20.62 1.83 19.22
C ALA C 37 20.62 0.66 20.19
N GLY C 38 20.82 0.93 21.47
CA GLY C 38 20.75 -0.12 22.47
C GLY C 38 21.11 0.35 23.86
N ASN C 39 20.89 -0.51 24.85
CA ASN C 39 21.14 -0.12 26.25
C ASN C 39 22.63 -0.15 26.62
N ALA C 40 23.50 -0.70 25.76
CA ALA C 40 24.96 -0.56 25.91
C ALA C 40 25.60 0.29 24.81
N ILE C 41 24.79 1.03 24.05
CA ILE C 41 25.29 1.92 23.01
C ILE C 41 25.17 3.35 23.52
N LEU C 42 26.25 4.11 23.41
CA LEU C 42 26.27 5.53 23.83
C LEU C 42 26.91 6.41 22.78
N ARG C 43 26.36 7.61 22.59
CA ARG C 43 26.96 8.58 21.67
C ARG C 43 28.35 8.99 22.19
N GLU C 44 29.29 9.19 21.26
CA GLU C 44 30.62 9.69 21.59
C GLU C 44 31.10 10.69 20.54
N ASP C 45 30.96 11.98 20.84
CA ASP C 45 31.24 13.02 19.86
C ASP C 45 32.73 13.14 19.55
N LYS C 46 33.58 12.81 20.53
CA LYS C 46 35.05 12.87 20.35
C LYS C 46 35.58 11.76 19.44
N ASP C 47 34.95 10.58 19.46
CA ASP C 47 35.32 9.47 18.58
C ASP C 47 34.08 8.76 18.03
N PRO C 48 33.40 9.37 17.04
CA PRO C 48 32.14 8.87 16.47
C PRO C 48 32.21 7.42 15.99
N GLN C 49 31.22 6.62 16.35
CA GLN C 49 31.10 5.24 15.86
C GLN C 49 31.24 5.22 14.33
N LYS C 50 32.14 4.38 13.82
CA LYS C 50 32.27 4.21 12.37
C LYS C 50 31.28 3.15 11.90
N MET C 51 30.87 3.29 10.64
CA MET C 51 30.04 2.30 9.98
C MET C 51 30.77 0.96 9.88
N TYR C 52 30.04 -0.11 10.18
CA TYR C 52 30.46 -1.48 9.90
C TYR C 52 29.37 -2.16 9.07
N ALA C 53 29.68 -3.33 8.52
CA ALA C 53 28.73 -4.09 7.70
C ALA C 53 28.59 -5.48 8.27
N THR C 54 27.44 -6.10 8.00
CA THR C 54 27.19 -7.46 8.41
C THR C 54 26.65 -8.21 7.20
N ILE C 55 27.19 -9.40 6.96
CA ILE C 55 26.89 -10.20 5.77
C ILE C 55 26.25 -11.52 6.15
N TYR C 56 25.06 -11.78 5.58
CA TYR C 56 24.25 -12.95 5.87
C TYR C 56 24.28 -13.92 4.69
N GLU C 57 24.84 -15.10 4.89
CA GLU C 57 24.84 -16.11 3.83
C GLU C 57 24.01 -17.32 4.27
N LEU C 58 22.98 -17.61 3.50
CA LEU C 58 22.06 -18.69 3.81
C LEU C 58 22.70 -20.03 3.41
N LYS C 59 22.85 -20.92 4.39
CA LYS C 59 23.38 -22.25 4.15
C LYS C 59 22.27 -23.21 3.78
N GLU C 60 22.66 -24.36 3.22
CA GLU C 60 21.73 -25.43 2.83
C GLU C 60 20.85 -25.88 4.00
N ASP C 61 21.43 -26.00 5.19
CA ASP C 61 20.64 -26.40 6.37
C ASP C 61 19.73 -25.27 6.92
N LYS C 62 19.65 -24.15 6.19
CA LYS C 62 18.74 -23.00 6.43
C LYS C 62 19.17 -22.03 7.57
N SER C 63 20.31 -22.30 8.18
CA SER C 63 20.89 -21.35 9.11
C SER C 63 21.71 -20.34 8.32
N TYR C 64 22.06 -19.22 8.96
CA TYR C 64 22.93 -18.23 8.34
C TYR C 64 24.35 -18.28 8.89
N ASN C 65 25.31 -18.20 7.98
CA ASN C 65 26.66 -17.78 8.31
C ASN C 65 26.69 -16.26 8.29
N VAL C 66 27.10 -15.66 9.39
CA VAL C 66 27.00 -14.23 9.57
C VAL C 66 28.40 -13.68 9.81
N THR C 67 28.82 -12.73 8.97
CA THR C 67 30.11 -12.07 9.12
C THR C 67 30.00 -10.55 9.29
N SER C 68 30.45 -10.03 10.42
CA SER C 68 30.52 -8.59 10.59
C SER C 68 31.94 -8.11 10.38
N VAL C 69 32.08 -6.98 9.69
CA VAL C 69 33.36 -6.39 9.35
C VAL C 69 33.40 -4.94 9.78
N LEU C 70 34.41 -4.61 10.58
CA LEU C 70 34.63 -3.26 11.10
C LEU C 70 36.08 -2.80 10.92
N PHE C 71 36.26 -1.48 10.80
CA PHE C 71 37.58 -0.85 10.83
C PHE C 71 37.87 -0.35 12.26
N ARG C 72 38.83 -0.99 12.91
CA ARG C 72 39.16 -0.72 14.30
C ARG C 72 40.67 -0.87 14.54
N LYS C 73 41.29 0.16 15.09
CA LYS C 73 42.74 0.16 15.40
C LYS C 73 43.56 -0.12 14.15
N LYS C 74 43.22 0.59 13.07
CA LYS C 74 43.93 0.49 11.78
C LYS C 74 43.82 -0.89 11.09
N LYS C 75 42.94 -1.75 11.58
CA LYS C 75 42.73 -3.08 11.00
C LYS C 75 41.27 -3.35 10.66
N CYS C 76 41.08 -4.30 9.76
CA CYS C 76 39.77 -4.86 9.45
C CYS C 76 39.53 -6.02 10.41
N ASP C 77 38.56 -5.89 11.31
CA ASP C 77 38.18 -6.95 12.25
C ASP C 77 36.96 -7.70 11.71
N TYR C 78 37.01 -9.02 11.78
CA TYR C 78 35.97 -9.88 11.25
C TYR C 78 35.44 -10.74 12.38
N TRP C 79 34.11 -10.72 12.58
CA TRP C 79 33.47 -11.66 13.51
C TRP C 79 32.54 -12.56 12.72
N ILE C 80 32.75 -13.88 12.81
CA ILE C 80 31.99 -14.86 12.05
C ILE C 80 31.22 -15.74 13.02
N ARG C 81 29.91 -15.82 12.81
CA ARG C 81 29.01 -16.55 13.71
C ARG C 81 27.94 -17.28 12.91
N THR C 82 27.15 -18.12 13.60
CA THR C 82 26.06 -18.86 13.00
C THR C 82 24.73 -18.50 13.65
N PHE C 83 23.74 -18.15 12.82
CA PHE C 83 22.37 -17.86 13.25
C PHE C 83 21.49 -19.05 12.85
N VAL C 84 20.94 -19.76 13.83
CA VAL C 84 20.09 -20.91 13.62
C VAL C 84 18.64 -20.45 13.67
N PRO C 85 17.77 -20.97 12.79
CA PRO C 85 16.38 -20.50 12.80
C PRO C 85 15.70 -20.74 14.14
N GLY C 86 15.01 -19.72 14.64
CA GLY C 86 14.35 -19.79 15.94
C GLY C 86 12.92 -20.29 15.81
N SER C 87 12.11 -19.94 16.80
CA SER C 87 10.76 -20.48 16.93
C SER C 87 9.80 -20.03 15.82
N GLN C 88 10.02 -18.81 15.30
CA GLN C 88 9.20 -18.25 14.23
CA GLN C 88 9.20 -18.24 14.24
C GLN C 88 10.09 -17.76 13.09
N PRO C 89 9.58 -17.82 11.84
CA PRO C 89 10.40 -17.30 10.73
C PRO C 89 10.80 -15.84 10.93
N GLY C 90 12.10 -15.57 10.80
CA GLY C 90 12.63 -14.24 11.03
C GLY C 90 13.25 -14.09 12.41
N GLU C 91 13.15 -15.14 13.22
CA GLU C 91 13.90 -15.22 14.48
C GLU C 91 15.06 -16.19 14.35
N PHE C 92 16.12 -15.89 15.09
CA PHE C 92 17.31 -16.71 15.14
C PHE C 92 17.88 -16.78 16.56
N THR C 93 18.51 -17.92 16.83
CA THR C 93 19.36 -18.09 17.99
C THR C 93 20.81 -18.27 17.53
N LEU C 94 21.75 -18.06 18.44
CA LEU C 94 23.18 -18.18 18.14
C LEU C 94 23.59 -19.63 18.18
N GLY C 95 24.26 -20.10 17.13
CA GLY C 95 24.83 -21.44 17.12
C GLY C 95 26.08 -21.51 17.99
N ASN C 96 26.35 -22.70 18.52
CA ASN C 96 27.57 -22.98 19.26
C ASN C 96 27.71 -22.07 20.48
N ILE C 97 26.60 -21.76 21.13
CA ILE C 97 26.59 -20.80 22.24
C ILE C 97 27.50 -21.26 23.39
N LYS C 98 27.60 -22.58 23.58
CA LYS C 98 28.45 -23.15 24.64
C LYS C 98 29.92 -22.77 24.50
N SER C 99 30.36 -22.46 23.28
CA SER C 99 31.74 -22.07 23.08
C SER C 99 32.03 -20.60 23.45
N TYR C 100 31.02 -19.89 23.99
CA TYR C 100 31.18 -18.49 24.41
C TYR C 100 30.82 -18.33 25.91
N PRO C 101 31.84 -18.45 26.79
CA PRO C 101 31.62 -18.41 28.24
C PRO C 101 30.95 -17.12 28.71
N GLY C 102 29.96 -17.27 29.58
CA GLY C 102 29.26 -16.12 30.14
C GLY C 102 28.05 -15.68 29.34
N LEU C 103 27.97 -16.13 28.08
CA LEU C 103 26.84 -15.83 27.19
C LEU C 103 25.84 -16.97 27.30
N THR C 104 24.70 -16.69 27.93
CA THR C 104 23.71 -17.74 28.18
C THR C 104 22.45 -17.65 27.33
N SER C 105 22.22 -16.49 26.72
CA SER C 105 21.05 -16.31 25.87
C SER C 105 21.37 -15.39 24.70
N TYR C 106 20.79 -15.69 23.54
CA TYR C 106 20.97 -14.85 22.36
C TYR C 106 19.79 -14.99 21.40
N LEU C 107 19.13 -13.88 21.08
CA LEU C 107 17.95 -13.89 20.25
C LEU C 107 18.03 -12.78 19.22
N VAL C 108 17.69 -13.12 17.99
CA VAL C 108 17.58 -12.19 16.91
C VAL C 108 16.14 -12.20 16.45
N ARG C 109 15.58 -11.01 16.21
CA ARG C 109 14.26 -10.88 15.62
C ARG C 109 14.26 -9.79 14.55
N VAL C 110 14.00 -10.19 13.30
CA VAL C 110 13.87 -9.21 12.22
C VAL C 110 12.52 -8.51 12.36
N VAL C 111 12.55 -7.20 12.62
CA VAL C 111 11.36 -6.41 12.89
C VAL C 111 10.62 -5.99 11.64
N SER C 112 11.37 -5.49 10.65
CA SER C 112 10.78 -5.08 9.39
C SER C 112 11.88 -4.94 8.35
N THR C 113 11.53 -5.26 7.11
CA THR C 113 12.45 -5.12 6.00
C THR C 113 11.70 -5.12 4.67
N ASN C 114 12.19 -4.39 3.69
CA ASN C 114 11.73 -4.58 2.30
C ASN C 114 12.77 -5.30 1.45
N TYR C 115 13.78 -5.85 2.11
CA TYR C 115 14.79 -6.75 1.52
C TYR C 115 15.82 -6.12 0.56
N ASN C 116 15.44 -5.13 -0.25
CA ASN C 116 16.45 -4.55 -1.20
C ASN C 116 16.93 -3.13 -0.87
N GLN C 117 16.38 -2.50 0.17
CA GLN C 117 16.88 -1.20 0.64
C GLN C 117 17.23 -1.18 2.13
N HIS C 118 16.29 -1.58 2.98
CA HIS C 118 16.42 -1.37 4.43
C HIS C 118 15.87 -2.52 5.29
N ALA C 119 16.32 -2.54 6.53
CA ALA C 119 15.83 -3.47 7.53
C ALA C 119 16.06 -2.90 8.93
N MET C 120 15.21 -3.30 9.86
CA MET C 120 15.42 -3.09 11.27
C MET C 120 15.43 -4.42 11.94
N VAL C 121 16.44 -4.65 12.76
CA VAL C 121 16.64 -5.93 13.42
C VAL C 121 16.91 -5.73 14.91
N PHE C 122 16.21 -6.53 15.73
CA PHE C 122 16.32 -6.49 17.18
C PHE C 122 17.18 -7.66 17.67
N PHE C 123 18.04 -7.40 18.65
CA PHE C 123 18.94 -8.39 19.21
C PHE C 123 18.86 -8.32 20.74
N LYS C 124 18.85 -9.47 21.40
CA LYS C 124 18.79 -9.53 22.84
C LYS C 124 19.68 -10.65 23.35
N LYS C 125 20.52 -10.35 24.33
CA LYS C 125 21.41 -11.35 24.89
C LYS C 125 21.58 -11.19 26.39
N VAL C 126 21.94 -12.29 27.03
CA VAL C 126 22.32 -12.29 28.42
C VAL C 126 23.77 -12.69 28.47
N SER C 127 24.63 -11.77 28.91
CA SER C 127 26.06 -12.02 29.10
C SER C 127 26.41 -11.64 30.52
N GLN C 128 27.14 -12.52 31.20
CA GLN C 128 27.37 -12.42 32.64
C GLN C 128 26.09 -12.08 33.42
N ASN C 129 25.00 -12.78 33.09
CA ASN C 129 23.65 -12.57 33.65
C ASN C 129 23.06 -11.13 33.60
N ARG C 130 23.67 -10.27 32.77
CA ARG C 130 23.15 -8.95 32.47
CA ARG C 130 23.14 -8.95 32.49
C ARG C 130 22.42 -8.98 31.14
N GLU C 131 21.27 -8.32 31.05
CA GLU C 131 20.47 -8.38 29.82
C GLU C 131 20.64 -7.15 28.93
N TYR C 132 21.21 -7.38 27.74
CA TYR C 132 21.48 -6.33 26.79
C TYR C 132 20.56 -6.45 25.58
N PHE C 133 20.24 -5.31 24.98
CA PHE C 133 19.54 -5.32 23.69
C PHE C 133 20.01 -4.18 22.81
N LYS C 134 19.87 -4.38 21.51
CA LYS C 134 20.16 -3.35 20.53
C LYS C 134 19.25 -3.50 19.32
N ILE C 135 19.17 -2.44 18.53
CA ILE C 135 18.44 -2.43 17.27
C ILE C 135 19.37 -1.87 16.23
N THR C 136 19.45 -2.54 15.08
CA THR C 136 20.21 -2.02 13.96
C THR C 136 19.27 -1.51 12.91
N LEU C 137 19.70 -0.47 12.22
CA LEU C 137 19.04 -0.01 11.02
C LEU C 137 19.99 -0.37 9.89
N TYR C 138 19.59 -1.37 9.12
CA TYR C 138 20.38 -1.89 8.03
C TYR C 138 20.01 -1.21 6.71
N GLY C 139 21.03 -0.91 5.91
CA GLY C 139 20.88 -0.37 4.57
C GLY C 139 21.62 -1.19 3.54
N ARG C 140 21.03 -1.35 2.37
CA ARG C 140 21.71 -2.01 1.26
C ARG C 140 22.88 -1.14 0.79
N THR C 141 22.70 0.18 0.86
CA THR C 141 23.78 1.17 0.70
C THR C 141 24.13 1.83 2.03
N LYS C 142 25.11 2.75 2.00
CA LYS C 142 25.59 3.45 3.20
C LYS C 142 24.70 4.60 3.65
N GLU C 143 23.71 4.94 2.84
CA GLU C 143 22.78 6.01 3.17
C GLU C 143 21.36 5.51 3.14
N LEU C 144 20.53 6.07 4.00
CA LEU C 144 19.09 5.90 3.87
C LEU C 144 18.38 7.25 4.02
N THR C 145 17.13 7.28 3.60
CA THR C 145 16.32 8.45 3.67
C THR C 145 16.13 8.90 5.13
N SER C 146 15.81 10.18 5.27
CA SER C 146 15.45 10.79 6.54
C SER C 146 14.28 10.09 7.20
N GLU C 147 13.32 9.67 6.39
CA GLU C 147 12.13 9.05 6.90
C GLU C 147 12.43 7.72 7.59
N LEU C 148 13.30 6.91 6.99
CA LEU C 148 13.66 5.62 7.58
C LEU C 148 14.44 5.84 8.85
N LYS C 149 15.30 6.85 8.87
CA LYS C 149 16.04 7.19 10.06
C LYS C 149 15.12 7.70 11.18
N GLU C 150 14.14 8.56 10.83
CA GLU C 150 13.17 9.03 11.82
C GLU C 150 12.33 7.87 12.36
N ASN C 151 11.98 6.92 11.50
CA ASN C 151 11.23 5.72 11.89
CA ASN C 151 11.22 5.74 11.92
C ASN C 151 12.00 4.86 12.89
N PHE C 152 13.31 4.81 12.72
CA PHE C 152 14.22 4.06 13.60
C PHE C 152 14.35 4.73 14.96
N ILE C 153 14.51 6.05 14.95
CA ILE C 153 14.55 6.83 16.20
C ILE C 153 13.26 6.58 17.02
N ARG C 154 12.12 6.73 16.36
CA ARG C 154 10.83 6.53 17.03
C ARG C 154 10.67 5.11 17.57
N PHE C 155 11.06 4.11 16.79
CA PHE C 155 10.95 2.74 17.26
C PHE C 155 11.88 2.53 18.47
N SER C 156 13.10 3.04 18.37
CA SER C 156 14.07 2.92 19.44
C SER C 156 13.52 3.55 20.73
N LYS C 157 12.89 4.70 20.62
CA LYS C 157 12.31 5.36 21.79
C LYS C 157 11.14 4.57 22.34
N SER C 158 10.34 3.95 21.46
CA SER C 158 9.23 3.12 21.93
C SER C 158 9.70 1.96 22.79
N LEU C 159 10.96 1.56 22.65
CA LEU C 159 11.54 0.48 23.47
C LEU C 159 12.23 1.02 24.72
N GLY C 160 12.07 2.32 24.97
CA GLY C 160 12.57 2.96 26.19
C GLY C 160 13.97 3.52 26.10
N LEU C 161 14.53 3.64 24.89
CA LEU C 161 15.87 4.18 24.72
C LEU C 161 15.82 5.69 24.50
N PRO C 162 16.57 6.46 25.31
CA PRO C 162 16.71 7.92 25.09
C PRO C 162 17.66 8.24 23.93
N GLU C 163 17.57 9.47 23.41
CA GLU C 163 18.30 9.91 22.21
C GLU C 163 19.79 9.64 22.25
N ASN C 164 20.41 9.78 23.42
CA ASN C 164 21.85 9.53 23.56
C ASN C 164 22.24 8.04 23.47
N HIS C 165 21.26 7.15 23.38
CA HIS C 165 21.53 5.72 23.17
C HIS C 165 21.28 5.33 21.70
N ILE C 166 21.16 6.34 20.82
CA ILE C 166 20.85 6.17 19.42
C ILE C 166 21.92 6.84 18.57
N VAL C 167 22.62 6.05 17.76
CA VAL C 167 23.77 6.52 17.00
C VAL C 167 23.59 6.26 15.49
N PHE C 168 24.23 7.10 14.68
CA PHE C 168 24.26 6.94 13.25
C PHE C 168 25.71 6.85 12.79
N PRO C 169 26.22 5.61 12.62
CA PRO C 169 27.63 5.44 12.27
C PRO C 169 28.03 6.20 10.98
N VAL C 170 29.25 6.73 10.99
CA VAL C 170 29.76 7.58 9.92
C VAL C 170 30.22 6.68 8.76
N PRO C 171 29.72 6.93 7.54
CA PRO C 171 30.20 6.14 6.40
C PRO C 171 31.72 6.18 6.26
N ILE C 172 32.31 5.03 5.94
CA ILE C 172 33.73 4.92 5.65
C ILE C 172 33.94 3.96 4.48
N ASP C 173 35.17 3.93 3.94
CA ASP C 173 35.52 3.10 2.80
C ASP C 173 36.38 1.90 3.19
N GLN C 174 37.13 2.03 4.28
CA GLN C 174 37.98 0.95 4.73
C GLN C 174 37.16 -0.28 5.15
N CYS C 175 37.58 -1.47 4.67
CA CYS C 175 37.13 -2.80 5.15
C CYS C 175 35.74 -3.28 4.71
N ILE C 176 34.78 -2.36 4.66
CA ILE C 176 33.36 -2.72 4.58
C ILE C 176 32.82 -2.78 3.15
N ASP C 177 33.61 -2.36 2.16
CA ASP C 177 33.17 -2.37 0.74
C ASP C 177 33.74 -3.53 -0.08
#